data_5WTS
#
_entry.id   5WTS
#
_cell.length_a   51.766
_cell.length_b   98.422
_cell.length_c   218.988
_cell.angle_alpha   90.00
_cell.angle_beta   90.00
_cell.angle_gamma   90.00
#
_symmetry.space_group_name_H-M   'I 2 2 2'
#
loop_
_entity.id
_entity.type
_entity.pdbx_description
1 polymer 'Green fluorescent protein linked MTide-02'
2 polymer 'E3 ubiquitin-protein ligase Mdm2'
3 non-polymer GLYCEROL
4 non-polymer 'PHOSPHATE ION'
5 non-polymer 'TETRAETHYLENE GLYCOL'
6 water water
#
loop_
_entity_poly.entity_id
_entity_poly.type
_entity_poly.pdbx_seq_one_letter_code
_entity_poly.pdbx_strand_id
1 'polypeptide(L)'
;MSKGEELFTGVVPILVELDGDVNGHKFSVRGEGEGDATNGKLTLKFICTTGKLPVPWPTLVTTL(CRO)VQCFSRYPDHM
KRHDFFKSAMPEGYVQERTISFKDDGTYKTRAEVKFEGDTLVNRIELKGIDFKEDGNILGHKLEYNFNSHNVYITADKQK
NGIKANFKIRHNVEDGSVQLADHYQQNTPIGDGPVLLPDNHYLSTQSVLSKDPNEKRDHMVLLEFVTAAGITTSFAEYWA
LLSVQLVESGGALVQPGGSLRLSCAASGFPVNRYSMRWYRQAPGKEREWVAGMSSAGDRSSYEDSVKGRFTISRDDARNT
VYLQMNSLKPEDTAVYYCNVNVGFEYWGQGTQVTVSHHHHHH
;
A
2 'polypeptide(L)'
;GPMSVPTDGAVTTSQIPASEQETLVRPKPLLLKLLKSVGAQKDTYTMKEVLFYLGQYIMTKRLYDEKQQHIVYCSNDLLG
DLFGVPSFSVKEHRKIYTMIYRNLVVVNQQESSDSGTSVSEN
;
B
#
loop_
_chem_comp.id
_chem_comp.type
_chem_comp.name
_chem_comp.formula
GOL non-polymer GLYCEROL 'C3 H8 O3'
PG4 non-polymer 'TETRAETHYLENE GLYCOL' 'C8 H18 O5'
PO4 non-polymer 'PHOSPHATE ION' 'O4 P -3'
#
# COMPACT_ATOMS: atom_id res chain seq x y z
N LYS A 3 -0.95 17.73 24.18
CA LYS A 3 -2.17 18.01 24.95
C LYS A 3 -3.35 17.18 24.48
N GLY A 4 -3.71 17.32 23.21
CA GLY A 4 -4.80 16.54 22.65
C GLY A 4 -4.56 15.05 22.68
N GLU A 5 -3.32 14.62 22.88
CA GLU A 5 -3.02 13.20 23.01
C GLU A 5 -3.44 12.64 24.36
N GLU A 6 -3.71 13.50 25.35
CA GLU A 6 -4.11 13.01 26.67
C GLU A 6 -5.58 12.64 26.76
N LEU A 7 -6.36 12.91 25.72
CA LEU A 7 -7.75 12.45 25.68
C LEU A 7 -7.88 11.00 25.22
N PHE A 8 -6.86 10.47 24.55
CA PHE A 8 -6.93 9.13 23.97
C PHE A 8 -6.19 8.09 24.81
N THR A 9 -5.76 8.44 26.01
CA THR A 9 -5.20 7.45 26.93
C THR A 9 -6.31 6.55 27.43
N GLY A 10 -6.25 5.27 27.06
CA GLY A 10 -7.27 4.34 27.47
C GLY A 10 -8.44 4.30 26.50
N VAL A 11 -9.47 3.57 26.90
CA VAL A 11 -10.64 3.37 26.05
C VAL A 11 -11.41 4.68 25.89
N VAL A 12 -11.93 4.91 24.70
CA VAL A 12 -12.74 6.10 24.41
C VAL A 12 -14.02 5.68 23.70
N PRO A 13 -15.17 6.12 24.16
CA PRO A 13 -16.41 5.81 23.43
C PRO A 13 -16.46 6.51 22.09
N ILE A 14 -17.02 5.83 21.10
CA ILE A 14 -17.10 6.36 19.74
C ILE A 14 -18.55 6.32 19.28
N LEU A 15 -18.93 7.33 18.50
CA LEU A 15 -20.26 7.41 17.90
C LEU A 15 -20.12 7.97 16.50
N VAL A 16 -20.63 7.24 15.52
CA VAL A 16 -20.47 7.58 14.11
C VAL A 16 -21.85 7.71 13.48
N GLU A 17 -22.02 8.75 12.65
CA GLU A 17 -23.29 9.02 11.99
C GLU A 17 -23.01 9.44 10.55
N LEU A 18 -23.54 8.69 9.60
CA LEU A 18 -23.33 8.93 8.18
C LEU A 18 -24.67 9.10 7.47
N ASP A 19 -24.74 10.08 6.58
CA ASP A 19 -25.87 10.26 5.68
C ASP A 19 -25.37 10.15 4.25
N GLY A 20 -25.96 9.25 3.48
CA GLY A 20 -25.46 8.97 2.15
C GLY A 20 -26.52 8.99 1.05
N ASP A 21 -26.19 9.64 -0.06
CA ASP A 21 -27.03 9.66 -1.26
C ASP A 21 -26.17 9.12 -2.41
N VAL A 22 -26.39 7.86 -2.77
CA VAL A 22 -25.63 7.17 -3.80
C VAL A 22 -26.58 6.92 -4.97
N ASN A 23 -26.33 7.60 -6.10
CA ASN A 23 -27.10 7.47 -7.32
C ASN A 23 -28.56 7.87 -7.15
N GLY A 24 -28.90 8.58 -6.07
CA GLY A 24 -30.28 8.85 -5.76
C GLY A 24 -30.74 8.07 -4.55
N HIS A 25 -30.42 6.77 -4.52
CA HIS A 25 -30.73 5.95 -3.36
C HIS A 25 -30.09 6.56 -2.11
N LYS A 26 -30.86 6.59 -1.02
CA LYS A 26 -30.45 7.27 0.20
C LYS A 26 -30.51 6.31 1.38
N PHE A 27 -29.70 6.59 2.39
CA PHE A 27 -29.57 5.71 3.54
C PHE A 27 -28.87 6.47 4.66
N SER A 28 -28.76 5.82 5.82
CA SER A 28 -28.05 6.37 6.96
C SER A 28 -27.51 5.22 7.79
N VAL A 29 -26.42 5.48 8.51
CA VAL A 29 -25.74 4.46 9.30
C VAL A 29 -25.37 5.06 10.64
N ARG A 30 -25.72 4.36 11.72
CA ARG A 30 -25.27 4.70 13.06
C ARG A 30 -24.30 3.63 13.56
N GLY A 31 -23.35 4.06 14.38
CA GLY A 31 -22.33 3.17 14.90
C GLY A 31 -21.85 3.54 16.28
N GLU A 32 -21.65 2.54 17.13
CA GLU A 32 -21.17 2.73 18.49
C GLU A 32 -20.10 1.69 18.80
N GLY A 33 -19.19 2.07 19.68
CA GLY A 33 -18.10 1.19 20.04
C GLY A 33 -17.04 1.95 20.81
N GLU A 34 -15.91 1.28 21.03
CA GLU A 34 -14.79 1.84 21.77
C GLU A 34 -13.59 2.02 20.87
N GLY A 35 -12.67 2.87 21.31
CA GLY A 35 -11.44 3.10 20.58
C GLY A 35 -10.25 3.24 21.51
N ASP A 36 -9.32 2.28 21.42
CA ASP A 36 -8.12 2.27 22.26
C ASP A 36 -6.94 2.72 21.40
N ALA A 37 -6.71 4.04 21.38
CA ALA A 37 -5.61 4.59 20.60
C ALA A 37 -4.26 4.04 21.05
N THR A 38 -4.17 3.56 22.29
CA THR A 38 -2.91 3.00 22.78
C THR A 38 -2.52 1.77 21.97
N ASN A 39 -3.49 0.93 21.61
CA ASN A 39 -3.24 -0.26 20.81
C ASN A 39 -3.63 -0.09 19.36
N GLY A 40 -4.10 1.09 18.96
CA GLY A 40 -4.59 1.27 17.60
C GLY A 40 -5.71 0.32 17.26
N LYS A 41 -6.65 0.14 18.18
CA LYS A 41 -7.70 -0.85 18.06
C LYS A 41 -9.07 -0.18 18.07
N LEU A 42 -9.96 -0.66 17.21
CA LEU A 42 -11.33 -0.18 17.14
C LEU A 42 -12.28 -1.36 17.13
N THR A 43 -13.34 -1.27 17.93
CA THR A 43 -14.43 -2.23 17.92
C THR A 43 -15.74 -1.44 17.77
N LEU A 44 -16.42 -1.62 16.64
CA LEU A 44 -17.61 -0.84 16.33
C LEU A 44 -18.66 -1.73 15.68
N LYS A 45 -19.92 -1.44 15.99
CA LYS A 45 -21.06 -2.11 15.38
C LYS A 45 -21.90 -1.07 14.65
N PHE A 46 -22.12 -1.29 13.36
CA PHE A 46 -22.84 -0.36 12.52
C PHE A 46 -24.15 -0.97 12.04
N ILE A 47 -25.18 -0.15 11.92
CA ILE A 47 -26.48 -0.59 11.44
C ILE A 47 -26.98 0.41 10.41
N CYS A 48 -27.76 -0.07 9.46
CA CYS A 48 -28.44 0.79 8.49
C CYS A 48 -29.80 1.17 9.07
N THR A 49 -29.86 2.34 9.72
CA THR A 49 -31.09 2.75 10.39
C THR A 49 -32.24 2.91 9.41
N THR A 50 -31.96 3.10 8.13
CA THR A 50 -32.98 3.30 7.09
C THR A 50 -33.02 2.04 6.23
N GLY A 51 -33.74 1.03 6.70
CA GLY A 51 -33.88 -0.21 5.96
C GLY A 51 -32.59 -0.98 5.73
N LYS A 52 -32.27 -1.24 4.46
CA LYS A 52 -31.08 -2.01 4.11
C LYS A 52 -30.21 -1.20 3.16
N LEU A 53 -28.94 -1.57 3.10
CA LEU A 53 -27.94 -0.75 2.43
C LEU A 53 -28.01 -0.93 0.92
N PRO A 54 -28.04 0.16 0.15
CA PRO A 54 -27.99 0.03 -1.31
C PRO A 54 -26.61 -0.27 -1.85
N VAL A 55 -25.57 -0.08 -1.05
CA VAL A 55 -24.21 -0.38 -1.47
C VAL A 55 -23.58 -1.34 -0.45
N PRO A 56 -22.50 -2.00 -0.83
CA PRO A 56 -21.88 -2.97 0.08
C PRO A 56 -21.26 -2.29 1.29
N TRP A 57 -21.30 -2.98 2.42
CA TRP A 57 -20.63 -2.48 3.62
C TRP A 57 -19.15 -2.21 3.38
N PRO A 58 -18.40 -3.04 2.65
CA PRO A 58 -16.96 -2.76 2.46
C PRO A 58 -16.67 -1.42 1.81
N THR A 59 -17.58 -0.88 1.00
CA THR A 59 -17.36 0.41 0.37
C THR A 59 -17.51 1.59 1.33
N LEU A 60 -18.12 1.37 2.50
CA LEU A 60 -18.25 2.44 3.49
C LEU A 60 -17.23 2.35 4.61
N VAL A 61 -16.36 1.35 4.60
CA VAL A 61 -15.43 1.16 5.72
C VAL A 61 -14.55 2.40 5.88
N THR A 62 -13.83 2.76 4.82
CA THR A 62 -12.90 3.89 4.91
C THR A 62 -13.62 5.15 5.40
N THR A 63 -14.81 5.43 4.88
CA THR A 63 -15.57 6.59 5.32
C THR A 63 -16.02 6.44 6.77
N LEU A 64 -16.51 5.26 7.14
CA LEU A 64 -16.91 5.00 8.52
C LEU A 64 -15.70 5.11 9.45
N1 CRO A 65 -14.70 4.28 9.22
CA1 CRO A 65 -13.55 4.55 10.06
CB1 CRO A 65 -13.10 3.28 10.69
CG1 CRO A 65 -13.39 2.11 9.73
OG1 CRO A 65 -11.73 3.34 10.97
C1 CRO A 65 -12.42 5.16 9.21
N2 CRO A 65 -11.47 4.44 8.50
N3 CRO A 65 -12.24 6.57 9.05
C2 CRO A 65 -11.09 6.72 8.18
O2 CRO A 65 -10.60 7.78 7.81
CA2 CRO A 65 -10.60 5.34 7.84
CA3 CRO A 65 -13.03 7.62 9.62
C3 CRO A 65 -12.16 8.41 10.64
O3 CRO A 65 -12.38 9.66 10.82
CB2 CRO A 65 -9.52 5.05 7.03
CG2 CRO A 65 -9.06 3.65 6.66
CD1 CRO A 65 -9.47 2.53 7.38
CD2 CRO A 65 -8.22 3.49 5.58
CE1 CRO A 65 -9.03 1.27 7.01
CE2 CRO A 65 -7.78 2.22 5.20
CZ CRO A 65 -8.19 1.12 5.93
OH CRO A 65 -7.76 -0.17 5.56
N VAL A 66 -12.01 7.57 11.66
CA VAL A 66 -11.54 8.18 12.89
C VAL A 66 -10.10 7.80 13.17
N GLN A 67 -9.20 8.23 12.30
CA GLN A 67 -7.76 7.92 12.36
C GLN A 67 -7.07 8.53 13.56
N CYS A 68 -7.78 9.23 14.44
CA CYS A 68 -7.21 9.68 15.71
C CYS A 68 -7.07 8.55 16.72
N PHE A 69 -7.57 7.35 16.39
CA PHE A 69 -7.37 6.16 17.20
C PHE A 69 -6.24 5.29 16.68
N SER A 70 -5.52 5.74 15.66
CA SER A 70 -4.35 5.02 15.19
C SER A 70 -3.23 5.10 16.23
N ARG A 71 -2.43 4.04 16.30
CA ARG A 71 -1.34 3.97 17.27
C ARG A 71 -0.10 4.65 16.69
N TYR A 72 0.37 5.70 17.34
CA TYR A 72 1.62 6.34 16.98
C TYR A 72 2.67 5.99 18.02
N PRO A 73 3.65 5.13 17.71
CA PRO A 73 4.70 4.83 18.69
C PRO A 73 5.36 6.09 19.21
N ASP A 74 6.09 5.95 20.33
CA ASP A 74 6.61 7.13 21.02
C ASP A 74 7.41 8.03 20.09
N HIS A 75 8.25 7.45 19.23
CA HIS A 75 9.13 8.23 18.36
C HIS A 75 8.38 8.94 17.24
N MET A 76 7.05 8.75 17.13
CA MET A 76 6.26 9.42 16.12
C MET A 76 5.17 10.31 16.74
N LYS A 77 5.29 10.63 18.03
CA LYS A 77 4.22 11.38 18.70
C LYS A 77 4.17 12.84 18.27
N ARG A 78 5.23 13.36 17.67
CA ARG A 78 5.21 14.70 17.12
C ARG A 78 4.59 14.76 15.73
N HIS A 79 4.05 13.65 15.23
CA HIS A 79 3.48 13.58 13.90
C HIS A 79 2.02 13.12 13.91
N ASP A 80 1.40 13.04 15.08
CA ASP A 80 0.01 12.60 15.20
C ASP A 80 -0.90 13.81 15.07
N PHE A 81 -1.14 14.20 13.82
CA PHE A 81 -2.01 15.35 13.53
C PHE A 81 -3.40 15.14 14.11
N PHE A 82 -3.94 13.92 13.97
CA PHE A 82 -5.33 13.68 14.32
C PHE A 82 -5.61 13.99 15.79
N LYS A 83 -4.77 13.49 16.69
CA LYS A 83 -4.95 13.81 18.11
C LYS A 83 -4.61 15.26 18.40
N SER A 84 -3.69 15.85 17.64
CA SER A 84 -3.29 17.23 17.90
C SER A 84 -4.48 18.18 17.78
N ALA A 85 -5.40 17.91 16.85
CA ALA A 85 -6.52 18.82 16.59
C ALA A 85 -7.61 18.73 17.65
N MET A 86 -7.63 17.67 18.45
CA MET A 86 -8.67 17.52 19.47
C MET A 86 -8.42 18.44 20.66
N PRO A 87 -9.48 18.75 21.42
CA PRO A 87 -10.84 18.23 21.18
C PRO A 87 -11.64 19.10 20.22
N GLU A 88 -11.02 20.16 19.70
N GLU A 88 -11.02 20.15 19.69
CA GLU A 88 -11.69 21.01 18.72
CA GLU A 88 -11.72 21.01 18.73
C GLU A 88 -12.22 20.19 17.56
C GLU A 88 -12.22 20.21 17.54
N GLY A 89 -11.41 19.28 17.04
CA GLY A 89 -11.78 18.44 15.94
C GLY A 89 -11.11 18.86 14.63
N TYR A 90 -11.31 18.02 13.62
CA TYR A 90 -10.81 18.28 12.29
C TYR A 90 -11.88 17.90 11.27
N VAL A 91 -11.71 18.40 10.05
CA VAL A 91 -12.60 18.11 8.93
C VAL A 91 -11.88 17.15 7.99
N GLN A 92 -12.56 16.07 7.60
CA GLN A 92 -11.98 15.06 6.73
C GLN A 92 -12.81 15.00 5.45
N GLU A 93 -12.23 15.49 4.35
CA GLU A 93 -12.84 15.44 3.03
C GLU A 93 -12.07 14.46 2.17
N ARG A 94 -12.79 13.76 1.29
CA ARG A 94 -12.18 12.68 0.52
C ARG A 94 -12.97 12.44 -0.76
N THR A 95 -12.26 12.01 -1.80
CA THR A 95 -12.86 11.69 -3.09
C THR A 95 -12.48 10.25 -3.43
N ILE A 96 -13.45 9.35 -3.32
CA ILE A 96 -13.23 7.92 -3.58
C ILE A 96 -13.67 7.65 -5.01
N SER A 97 -12.74 7.16 -5.83
CA SER A 97 -12.98 6.90 -7.24
C SER A 97 -12.92 5.38 -7.47
N PHE A 98 -14.08 4.76 -7.62
CA PHE A 98 -14.14 3.35 -7.96
C PHE A 98 -13.84 3.18 -9.45
N LYS A 99 -12.78 2.45 -9.77
CA LYS A 99 -12.38 2.29 -11.16
C LYS A 99 -13.46 1.55 -11.95
N ASP A 100 -13.71 2.04 -13.17
CA ASP A 100 -14.73 1.45 -14.04
C ASP A 100 -16.12 1.55 -13.42
N ASP A 101 -16.36 2.59 -12.63
CA ASP A 101 -17.65 2.76 -11.99
C ASP A 101 -17.78 4.15 -11.36
N GLY A 102 -18.71 4.30 -10.43
CA GLY A 102 -19.04 5.59 -9.87
C GLY A 102 -17.99 6.13 -8.91
N THR A 103 -18.34 7.24 -8.27
CA THR A 103 -17.43 7.95 -7.38
C THR A 103 -18.16 8.38 -6.11
N TYR A 104 -17.54 8.14 -4.97
CA TYR A 104 -18.00 8.68 -3.70
C TYR A 104 -17.39 10.07 -3.49
N LYS A 105 -18.11 10.90 -2.75
CA LYS A 105 -17.61 12.19 -2.31
C LYS A 105 -18.18 12.48 -0.93
N THR A 106 -17.29 12.72 0.04
CA THR A 106 -17.68 12.77 1.44
C THR A 106 -17.11 14.02 2.11
N ARG A 107 -17.79 14.44 3.17
CA ARG A 107 -17.29 15.46 4.07
C ARG A 107 -17.67 15.04 5.48
N ALA A 108 -16.69 15.05 6.38
CA ALA A 108 -16.90 14.54 7.74
C ALA A 108 -16.28 15.49 8.75
N GLU A 109 -16.81 15.45 9.97
CA GLU A 109 -16.29 16.22 11.09
C GLU A 109 -16.07 15.29 12.27
N VAL A 110 -14.82 15.14 12.69
CA VAL A 110 -14.47 14.30 13.83
C VAL A 110 -14.12 15.23 14.99
N LYS A 111 -14.86 15.11 16.09
CA LYS A 111 -14.64 15.96 17.25
C LYS A 111 -15.31 15.33 18.45
N PHE A 112 -14.79 15.68 19.63
CA PHE A 112 -15.35 15.19 20.88
C PHE A 112 -16.63 15.94 21.23
N GLU A 113 -17.61 15.21 21.73
CA GLU A 113 -18.86 15.77 22.25
C GLU A 113 -19.04 15.19 23.65
N GLY A 114 -18.71 15.98 24.67
CA GLY A 114 -18.62 15.46 26.01
C GLY A 114 -17.35 14.67 26.19
N ASP A 115 -17.48 13.35 26.33
CA ASP A 115 -16.34 12.44 26.37
C ASP A 115 -16.50 11.32 25.35
N THR A 116 -17.20 11.61 24.25
CA THR A 116 -17.40 10.66 23.17
C THR A 116 -16.85 11.26 21.87
N LEU A 117 -16.03 10.49 21.17
CA LEU A 117 -15.50 10.91 19.88
C LEU A 117 -16.57 10.68 18.82
N VAL A 118 -17.01 11.75 18.16
CA VAL A 118 -18.18 11.74 17.30
C VAL A 118 -17.75 12.05 15.87
N ASN A 119 -18.12 11.18 14.94
CA ASN A 119 -17.85 11.36 13.52
C ASN A 119 -19.18 11.55 12.80
N ARG A 120 -19.42 12.76 12.31
CA ARG A 120 -20.59 13.07 11.51
C ARG A 120 -20.16 13.15 10.04
N ILE A 121 -20.79 12.34 9.21
CA ILE A 121 -20.35 12.13 7.83
C ILE A 121 -21.50 12.45 6.87
N GLU A 122 -21.17 13.13 5.78
CA GLU A 122 -22.05 13.28 4.63
C GLU A 122 -21.37 12.63 3.43
N LEU A 123 -22.14 11.86 2.66
CA LEU A 123 -21.57 11.10 1.55
C LEU A 123 -22.51 11.16 0.35
N LYS A 124 -21.96 11.53 -0.80
CA LYS A 124 -22.68 11.51 -2.07
C LYS A 124 -22.02 10.52 -3.02
N GLY A 125 -22.83 9.92 -3.89
CA GLY A 125 -22.33 8.97 -4.87
C GLY A 125 -22.97 9.14 -6.22
N ILE A 126 -22.16 9.16 -7.28
CA ILE A 126 -22.64 9.41 -8.63
C ILE A 126 -22.08 8.35 -9.56
N ASP A 127 -22.67 8.27 -10.75
CA ASP A 127 -22.13 7.48 -11.87
C ASP A 127 -21.92 6.02 -11.50
N PHE A 128 -22.76 5.47 -10.63
CA PHE A 128 -22.67 4.06 -10.25
C PHE A 128 -23.59 3.23 -11.15
N LYS A 129 -22.99 2.33 -11.92
CA LYS A 129 -23.76 1.50 -12.84
C LYS A 129 -24.73 0.61 -12.07
N GLU A 130 -26.01 0.67 -12.48
CA GLU A 130 -27.05 -0.06 -11.74
C GLU A 130 -26.73 -1.55 -11.66
N ASP A 131 -26.34 -2.15 -12.79
CA ASP A 131 -25.82 -3.52 -12.82
C ASP A 131 -24.30 -3.40 -12.78
N GLY A 132 -23.75 -3.29 -11.57
CA GLY A 132 -22.31 -3.15 -11.37
C GLY A 132 -21.88 -3.79 -10.07
N ASN A 133 -20.60 -3.61 -9.73
CA ASN A 133 -20.06 -4.23 -8.53
C ASN A 133 -20.64 -3.61 -7.26
N ILE A 134 -20.86 -2.29 -7.27
CA ILE A 134 -21.32 -1.60 -6.06
C ILE A 134 -22.82 -1.80 -5.87
N LEU A 135 -23.64 -1.25 -6.77
CA LEU A 135 -25.09 -1.39 -6.69
C LEU A 135 -25.56 -2.80 -7.02
N GLY A 136 -24.69 -3.66 -7.53
CA GLY A 136 -25.05 -5.05 -7.73
C GLY A 136 -24.68 -5.97 -6.60
N HIS A 137 -23.98 -5.42 -5.60
CA HIS A 137 -23.55 -6.18 -4.43
C HIS A 137 -22.71 -7.39 -4.83
N LYS A 138 -21.68 -7.14 -5.63
CA LYS A 138 -20.77 -8.18 -6.09
C LYS A 138 -19.48 -8.24 -5.29
N LEU A 139 -19.41 -7.52 -4.17
CA LEU A 139 -18.19 -7.44 -3.36
C LEU A 139 -18.27 -8.40 -2.18
N GLU A 140 -17.22 -9.18 -2.00
CA GLU A 140 -17.16 -10.07 -0.84
C GLU A 140 -17.20 -9.25 0.45
N TYR A 141 -17.69 -9.89 1.51
CA TYR A 141 -17.85 -9.22 2.81
C TYR A 141 -16.55 -9.40 3.60
N ASN A 142 -15.55 -8.62 3.22
CA ASN A 142 -14.26 -8.63 3.89
C ASN A 142 -13.52 -7.34 3.54
N PHE A 143 -12.42 -7.11 4.24
CA PHE A 143 -11.61 -5.92 4.03
C PHE A 143 -10.14 -6.28 4.11
N ASN A 144 -9.34 -5.68 3.24
CA ASN A 144 -7.92 -5.99 3.12
C ASN A 144 -7.10 -5.02 3.98
N SER A 145 -5.79 -5.28 4.04
CA SER A 145 -4.85 -4.45 4.77
C SER A 145 -4.18 -3.47 3.82
N HIS A 146 -4.23 -2.18 4.14
CA HIS A 146 -3.71 -1.14 3.28
C HIS A 146 -2.77 -0.24 4.06
N ASN A 147 -1.91 0.45 3.30
CA ASN A 147 -1.01 1.48 3.84
C ASN A 147 -1.49 2.84 3.38
N VAL A 148 -1.74 3.74 4.32
CA VAL A 148 -2.24 5.07 4.03
C VAL A 148 -1.06 6.03 4.13
N TYR A 149 -0.61 6.55 2.99
CA TYR A 149 0.53 7.46 2.95
C TYR A 149 0.06 8.86 3.27
N ILE A 150 0.58 9.42 4.37
CA ILE A 150 0.19 10.74 4.86
C ILE A 150 1.34 11.70 4.62
N THR A 151 1.00 12.93 4.25
CA THR A 151 1.97 13.99 4.01
C THR A 151 1.39 15.32 4.45
N ALA A 152 2.23 16.17 5.02
CA ALA A 152 1.77 17.46 5.52
C ALA A 152 1.34 18.37 4.37
N ASP A 153 0.29 19.15 4.62
CA ASP A 153 -0.22 20.15 3.68
C ASP A 153 -0.11 21.51 4.38
N LYS A 154 1.05 22.14 4.24
CA LYS A 154 1.35 23.35 5.02
C LYS A 154 0.29 24.43 4.80
N GLN A 155 -0.04 24.72 3.54
CA GLN A 155 -0.89 25.88 3.28
C GLN A 155 -2.29 25.72 3.85
N LYS A 156 -2.84 24.50 3.83
CA LYS A 156 -4.12 24.22 4.48
C LYS A 156 -3.96 23.87 5.96
N ASN A 157 -2.75 23.94 6.50
CA ASN A 157 -2.49 23.64 7.91
C ASN A 157 -3.11 22.28 8.30
N GLY A 158 -2.79 21.25 7.51
CA GLY A 158 -3.31 19.92 7.75
C GLY A 158 -2.51 18.84 7.07
N ILE A 159 -3.18 17.81 6.58
CA ILE A 159 -2.53 16.69 5.92
C ILE A 159 -3.29 16.33 4.66
N LYS A 160 -2.58 15.76 3.69
CA LYS A 160 -3.16 15.07 2.55
C LYS A 160 -2.92 13.58 2.72
N ALA A 161 -3.58 12.79 1.88
CA ALA A 161 -3.43 11.34 1.96
C ALA A 161 -3.95 10.72 0.66
N ASN A 162 -3.10 9.93 0.01
CA ASN A 162 -3.48 9.17 -1.18
C ASN A 162 -3.29 7.69 -0.89
N PHE A 163 -4.28 6.90 -1.30
CA PHE A 163 -4.17 5.44 -1.16
C PHE A 163 -5.26 4.79 -1.98
N LYS A 164 -5.06 3.50 -2.24
CA LYS A 164 -5.98 2.70 -3.05
C LYS A 164 -6.48 1.53 -2.23
N ILE A 165 -7.80 1.38 -2.16
CA ILE A 165 -8.43 0.28 -1.45
C ILE A 165 -8.75 -0.82 -2.45
N ARG A 166 -8.37 -2.05 -2.12
CA ARG A 166 -8.63 -3.21 -2.97
C ARG A 166 -9.81 -3.97 -2.40
N HIS A 167 -10.92 -3.98 -3.14
CA HIS A 167 -12.11 -4.74 -2.75
C HIS A 167 -12.17 -6.04 -3.55
N ASN A 168 -12.51 -7.13 -2.85
CA ASN A 168 -12.50 -8.46 -3.44
C ASN A 168 -13.86 -8.73 -4.08
N VAL A 169 -13.88 -8.79 -5.42
CA VAL A 169 -15.07 -9.23 -6.15
C VAL A 169 -15.11 -10.75 -6.11
N GLU A 170 -16.27 -11.31 -5.78
CA GLU A 170 -16.39 -12.75 -5.59
C GLU A 170 -16.22 -13.55 -6.88
N ASP A 171 -15.93 -12.90 -8.01
CA ASP A 171 -15.59 -13.62 -9.23
C ASP A 171 -14.08 -13.75 -9.41
N GLY A 172 -13.30 -13.43 -8.37
CA GLY A 172 -11.86 -13.54 -8.40
C GLY A 172 -11.15 -12.21 -8.58
N SER A 173 -11.79 -11.26 -9.24
CA SER A 173 -11.15 -9.99 -9.55
C SER A 173 -11.05 -9.11 -8.31
N VAL A 174 -10.55 -7.89 -8.50
CA VAL A 174 -10.36 -6.92 -7.42
C VAL A 174 -10.88 -5.57 -7.88
N GLN A 175 -11.65 -4.91 -7.02
CA GLN A 175 -12.24 -3.62 -7.32
C GLN A 175 -11.41 -2.53 -6.66
N LEU A 176 -10.72 -1.73 -7.45
CA LEU A 176 -9.90 -0.65 -6.94
C LEU A 176 -10.76 0.55 -6.54
N ALA A 177 -10.38 1.22 -5.46
CA ALA A 177 -11.06 2.42 -4.99
C ALA A 177 -9.98 3.45 -4.64
N ASP A 178 -9.69 4.35 -5.58
CA ASP A 178 -8.62 5.31 -5.41
C ASP A 178 -9.06 6.41 -4.46
N HIS A 179 -8.43 6.48 -3.29
CA HIS A 179 -8.79 7.46 -2.27
C HIS A 179 -7.87 8.68 -2.36
N TYR A 180 -8.48 9.86 -2.43
CA TYR A 180 -7.79 11.13 -2.24
C TYR A 180 -8.40 11.83 -1.04
N GLN A 181 -7.55 12.18 -0.07
CA GLN A 181 -8.00 12.60 1.26
C GLN A 181 -7.34 13.91 1.67
N GLN A 182 -8.07 14.68 2.49
CA GLN A 182 -7.63 15.99 2.95
C GLN A 182 -8.23 16.24 4.33
N ASN A 183 -7.42 16.77 5.24
CA ASN A 183 -7.84 16.94 6.62
C ASN A 183 -7.40 18.31 7.12
N THR A 184 -8.34 19.04 7.72
CA THR A 184 -8.09 20.39 8.22
C THR A 184 -8.65 20.51 9.62
N PRO A 185 -7.92 21.16 10.53
CA PRO A 185 -8.43 21.34 11.89
C PRO A 185 -9.57 22.34 11.95
N ILE A 186 -10.35 22.25 13.02
CA ILE A 186 -11.52 23.11 13.21
C ILE A 186 -11.16 24.36 13.99
N GLY A 187 -10.47 24.20 15.13
CA GLY A 187 -10.02 25.34 15.89
C GLY A 187 -8.74 25.94 15.34
N ASP A 188 -8.56 27.24 15.61
CA ASP A 188 -7.37 27.95 15.17
C ASP A 188 -6.18 27.74 16.09
N GLY A 189 -6.19 26.67 16.89
CA GLY A 189 -5.13 26.39 17.82
C GLY A 189 -4.00 25.60 17.19
N PRO A 190 -2.90 25.45 17.91
CA PRO A 190 -1.73 24.77 17.34
C PRO A 190 -2.01 23.32 17.04
N VAL A 191 -1.54 22.87 15.88
CA VAL A 191 -1.67 21.48 15.44
C VAL A 191 -0.30 21.01 14.98
N LEU A 192 -0.15 19.70 14.87
CA LEU A 192 1.11 19.08 14.50
C LEU A 192 1.10 18.69 13.03
N LEU A 193 2.05 19.24 12.26
CA LEU A 193 2.22 18.87 10.86
C LEU A 193 3.32 17.82 10.76
N PRO A 194 3.04 16.64 10.23
CA PRO A 194 4.01 15.55 10.31
C PRO A 194 4.91 15.43 9.08
N ASP A 195 6.08 14.85 9.32
CA ASP A 195 6.89 14.34 8.23
C ASP A 195 6.15 13.19 7.54
N ASN A 196 6.50 12.98 6.28
CA ASN A 196 5.84 11.95 5.49
C ASN A 196 5.93 10.60 6.19
N HIS A 197 4.78 9.95 6.36
CA HIS A 197 4.70 8.63 6.97
C HIS A 197 3.47 7.93 6.40
N TYR A 198 3.17 6.75 6.94
CA TYR A 198 2.03 5.97 6.49
C TYR A 198 1.40 5.24 7.66
N LEU A 199 0.12 4.88 7.48
CA LEU A 199 -0.66 4.17 8.48
C LEU A 199 -0.94 2.76 7.96
N SER A 200 -0.39 1.76 8.65
CA SER A 200 -0.70 0.37 8.33
C SER A 200 -2.00 -0.03 8.99
N THR A 201 -2.91 -0.59 8.21
CA THR A 201 -4.27 -0.85 8.67
C THR A 201 -4.64 -2.32 8.46
N GLN A 202 -5.37 -2.87 9.41
CA GLN A 202 -5.92 -4.22 9.32
C GLN A 202 -7.36 -4.19 9.81
N SER A 203 -8.25 -4.84 9.08
CA SER A 203 -9.68 -4.79 9.38
C SER A 203 -10.29 -6.18 9.27
N VAL A 204 -11.24 -6.46 10.16
CA VAL A 204 -12.02 -7.69 10.14
C VAL A 204 -13.49 -7.32 10.16
N LEU A 205 -14.24 -7.80 9.18
CA LEU A 205 -15.67 -7.60 9.13
C LEU A 205 -16.38 -8.84 9.66
N SER A 206 -17.41 -8.62 10.47
CA SER A 206 -18.14 -9.72 11.08
C SER A 206 -19.58 -9.30 11.28
N LYS A 207 -20.40 -10.24 11.77
CA LYS A 207 -21.83 -10.03 11.93
C LYS A 207 -22.27 -10.49 13.31
N ASP A 208 -23.27 -9.81 13.85
CA ASP A 208 -23.84 -10.19 15.14
C ASP A 208 -25.03 -11.12 14.90
N PRO A 209 -25.06 -12.30 15.50
CA PRO A 209 -26.16 -13.23 15.20
C PRO A 209 -27.52 -12.73 15.66
N ASN A 210 -27.57 -12.07 16.82
CA ASN A 210 -28.83 -11.62 17.41
C ASN A 210 -29.37 -10.35 16.75
N GLU A 211 -28.69 -9.81 15.75
CA GLU A 211 -29.15 -8.63 15.03
C GLU A 211 -29.74 -9.05 13.69
N LYS A 212 -30.97 -8.60 13.41
CA LYS A 212 -31.58 -8.83 12.12
C LYS A 212 -31.62 -7.58 11.24
N ARG A 213 -31.23 -6.42 11.77
CA ARG A 213 -31.04 -5.26 10.92
C ARG A 213 -29.80 -5.46 10.06
N ASP A 214 -29.78 -4.83 8.90
CA ASP A 214 -28.59 -4.82 8.08
C ASP A 214 -27.45 -4.13 8.84
N HIS A 215 -26.41 -4.90 9.16
CA HIS A 215 -25.39 -4.45 10.10
C HIS A 215 -24.01 -4.90 9.64
N MET A 216 -23.00 -4.28 10.24
CA MET A 216 -21.60 -4.67 10.04
C MET A 216 -20.87 -4.49 11.36
N VAL A 217 -20.35 -5.58 11.90
CA VAL A 217 -19.49 -5.53 13.07
C VAL A 217 -18.05 -5.42 12.58
N LEU A 218 -17.34 -4.39 13.06
CA LEU A 218 -16.02 -4.06 12.53
C LEU A 218 -15.01 -3.93 13.66
N LEU A 219 -13.90 -4.66 13.53
CA LEU A 219 -12.75 -4.57 14.43
C LEU A 219 -11.51 -4.42 13.56
N GLU A 220 -10.80 -3.31 13.71
CA GLU A 220 -9.65 -3.03 12.88
C GLU A 220 -8.50 -2.49 13.74
N PHE A 221 -7.28 -2.67 13.24
CA PHE A 221 -6.06 -2.24 13.90
C PHE A 221 -5.29 -1.33 12.97
N VAL A 222 -4.79 -0.22 13.51
CA VAL A 222 -4.05 0.77 12.73
C VAL A 222 -2.86 1.26 13.55
N THR A 223 -1.69 1.27 12.93
CA THR A 223 -0.49 1.83 13.54
C THR A 223 0.27 2.61 12.47
N ALA A 224 1.13 3.52 12.91
CA ALA A 224 1.87 4.41 12.02
C ALA A 224 3.36 4.07 12.05
N ALA A 225 4.05 4.37 10.95
CA ALA A 225 5.47 4.11 10.82
C ALA A 225 5.98 4.80 9.56
N GLY A 226 7.30 4.71 9.34
CA GLY A 226 7.89 5.16 8.09
C GLY A 226 8.54 6.53 8.11
N ILE A 227 9.23 6.87 9.19
CA ILE A 227 9.90 8.17 9.29
C ILE A 227 11.38 8.06 9.59
N THR A 228 11.88 6.90 10.04
CA THR A 228 13.27 6.73 10.41
C THR A 228 13.85 5.54 9.64
N THR A 229 13.93 5.68 8.32
CA THR A 229 14.60 4.71 7.47
C THR A 229 15.98 5.25 7.10
N SER A 230 16.99 4.40 7.24
CA SER A 230 18.37 4.82 7.03
C SER A 230 18.70 4.91 5.55
N PHE A 231 19.65 5.80 5.24
CA PHE A 231 20.14 5.91 3.87
C PHE A 231 20.74 4.58 3.41
N ALA A 232 21.49 3.92 4.29
CA ALA A 232 22.05 2.61 3.94
C ALA A 232 20.95 1.64 3.52
N GLU A 233 19.74 1.80 4.08
CA GLU A 233 18.63 0.94 3.71
C GLU A 233 17.99 1.42 2.41
N TYR A 234 17.71 2.71 2.30
CA TYR A 234 17.21 3.26 1.04
C TYR A 234 18.14 2.92 -0.11
N TRP A 235 19.45 2.88 0.15
CA TRP A 235 20.41 2.62 -0.91
C TRP A 235 20.43 1.13 -1.29
N ALA A 236 20.41 0.25 -0.30
CA ALA A 236 20.40 -1.19 -0.60
C ALA A 236 19.14 -1.56 -1.38
N LEU A 237 18.01 -0.93 -1.06
CA LEU A 237 16.80 -1.15 -1.84
C LEU A 237 17.03 -0.78 -3.30
N LEU A 238 17.61 0.38 -3.55
CA LEU A 238 17.93 0.77 -4.92
C LEU A 238 18.95 -0.18 -5.54
N SER A 239 19.93 -0.63 -4.75
CA SER A 239 21.00 -1.45 -5.31
C SER A 239 20.47 -2.76 -5.86
N VAL A 240 19.69 -3.50 -5.04
CA VAL A 240 19.19 -4.81 -5.46
C VAL A 240 18.21 -4.65 -6.62
N GLN A 241 17.48 -3.54 -6.68
CA GLN A 241 16.64 -3.26 -7.83
C GLN A 241 17.45 -3.27 -9.13
N LEU A 242 18.57 -2.53 -9.14
CA LEU A 242 19.33 -2.43 -10.38
C LEU A 242 20.16 -3.68 -10.66
N VAL A 243 20.33 -4.54 -9.66
CA VAL A 243 21.10 -5.77 -9.80
C VAL A 243 20.30 -6.92 -9.23
N GLU A 244 19.08 -7.10 -9.72
CA GLU A 244 18.21 -8.20 -9.30
C GLU A 244 18.53 -9.43 -10.14
N SER A 245 19.22 -10.39 -9.53
CA SER A 245 19.59 -11.60 -10.25
C SER A 245 18.36 -12.39 -10.68
N GLY A 246 17.56 -12.84 -9.72
CA GLY A 246 16.36 -13.57 -10.04
C GLY A 246 16.35 -14.97 -9.46
N GLY A 247 15.16 -15.53 -9.30
CA GLY A 247 15.01 -16.85 -8.71
C GLY A 247 14.49 -17.87 -9.69
N ALA A 248 13.73 -17.42 -10.69
CA ALA A 248 13.21 -18.28 -11.73
C ALA A 248 13.29 -17.55 -13.06
N LEU A 249 13.87 -18.20 -14.06
CA LEU A 249 14.21 -17.54 -15.31
C LEU A 249 13.65 -18.33 -16.49
N VAL A 250 13.19 -17.59 -17.50
CA VAL A 250 12.56 -18.18 -18.68
C VAL A 250 12.84 -17.28 -19.88
N GLN A 251 12.88 -17.89 -21.06
CA GLN A 251 13.00 -17.16 -22.30
C GLN A 251 11.64 -16.57 -22.69
N PRO A 252 11.64 -15.56 -23.55
CA PRO A 252 10.36 -14.98 -24.01
C PRO A 252 9.56 -15.96 -24.84
N GLY A 253 8.42 -16.40 -24.32
CA GLY A 253 7.59 -17.42 -24.94
C GLY A 253 7.50 -18.72 -24.15
N GLY A 254 8.45 -18.98 -23.25
CA GLY A 254 8.41 -20.19 -22.45
C GLY A 254 7.23 -20.24 -21.50
N SER A 255 7.19 -21.23 -20.59
CA SER A 255 6.06 -21.33 -19.67
C SER A 255 6.55 -21.72 -18.28
N LEU A 256 5.72 -21.44 -17.28
CA LEU A 256 6.04 -21.71 -15.89
C LEU A 256 4.76 -21.98 -15.11
N ARG A 257 4.88 -22.77 -14.05
CA ARG A 257 3.75 -23.08 -13.18
C ARG A 257 4.12 -22.76 -11.74
N LEU A 258 3.36 -21.86 -11.13
CA LEU A 258 3.62 -21.45 -9.75
C LEU A 258 2.77 -22.29 -8.80
N SER A 259 3.41 -22.81 -7.76
CA SER A 259 2.75 -23.54 -6.69
C SER A 259 2.68 -22.67 -5.45
N CYS A 260 1.70 -22.96 -4.59
CA CYS A 260 1.54 -22.23 -3.34
C CYS A 260 0.73 -23.09 -2.38
N ALA A 261 1.38 -23.57 -1.32
CA ALA A 261 0.74 -24.46 -0.37
C ALA A 261 0.10 -23.66 0.76
N ALA A 262 -1.13 -24.00 1.10
CA ALA A 262 -1.89 -23.31 2.13
C ALA A 262 -1.80 -24.05 3.46
N SER A 263 -1.81 -23.28 4.55
CA SER A 263 -1.74 -23.82 5.90
C SER A 263 -2.81 -23.17 6.77
N GLY A 264 -3.46 -23.97 7.60
CA GLY A 264 -4.38 -23.46 8.59
C GLY A 264 -5.77 -23.14 8.10
N PHE A 265 -6.01 -23.14 6.79
CA PHE A 265 -7.33 -22.81 6.27
C PHE A 265 -7.63 -23.70 5.05
N PRO A 266 -8.90 -24.09 4.89
CA PRO A 266 -9.28 -24.88 3.70
C PRO A 266 -9.32 -24.00 2.47
N VAL A 267 -8.47 -24.32 1.49
CA VAL A 267 -8.29 -23.45 0.33
C VAL A 267 -9.54 -23.39 -0.54
N ASN A 268 -10.42 -24.38 -0.46
CA ASN A 268 -11.59 -24.45 -1.33
C ASN A 268 -12.80 -23.71 -0.77
N ARG A 269 -12.64 -22.96 0.32
CA ARG A 269 -13.75 -22.25 0.93
C ARG A 269 -13.58 -20.74 0.92
N TYR A 270 -12.42 -20.24 0.52
CA TYR A 270 -12.18 -18.81 0.33
C TYR A 270 -11.65 -18.58 -1.07
N SER A 271 -11.86 -17.37 -1.57
CA SER A 271 -11.33 -17.01 -2.88
C SER A 271 -9.82 -16.81 -2.80
N MET A 272 -9.14 -17.14 -3.90
CA MET A 272 -7.69 -17.04 -3.98
C MET A 272 -7.32 -16.16 -5.18
N ARG A 273 -6.24 -15.40 -5.04
CA ARG A 273 -5.81 -14.47 -6.07
C ARG A 273 -4.28 -14.41 -6.13
N TRP A 274 -3.77 -14.12 -7.32
CA TRP A 274 -2.35 -13.96 -7.55
C TRP A 274 -2.04 -12.49 -7.81
N TYR A 275 -1.10 -11.94 -7.05
CA TYR A 275 -0.58 -10.61 -7.28
C TYR A 275 0.85 -10.70 -7.81
N ARG A 276 1.34 -9.58 -8.33
CA ARG A 276 2.72 -9.51 -8.80
C ARG A 276 3.18 -8.07 -8.73
N GLN A 277 4.42 -7.87 -8.30
CA GLN A 277 5.02 -6.56 -8.18
C GLN A 277 6.27 -6.52 -9.03
N ALA A 278 6.26 -5.68 -10.06
CA ALA A 278 7.40 -5.55 -10.95
C ALA A 278 8.34 -4.47 -10.46
N PRO A 279 9.62 -4.55 -10.82
CA PRO A 279 10.57 -3.51 -10.45
C PRO A 279 10.08 -2.14 -10.89
N GLY A 280 10.10 -1.18 -9.97
CA GLY A 280 9.59 0.15 -10.27
C GLY A 280 8.11 0.15 -10.59
N LYS A 281 7.33 -0.66 -9.88
CA LYS A 281 5.91 -0.79 -10.13
C LYS A 281 5.23 -1.26 -8.84
N GLU A 282 3.97 -0.91 -8.70
CA GLU A 282 3.21 -1.28 -7.52
C GLU A 282 2.49 -2.61 -7.72
N ARG A 283 2.15 -3.24 -6.60
CA ARG A 283 1.41 -4.50 -6.63
C ARG A 283 0.18 -4.38 -7.52
N GLU A 284 0.01 -5.34 -8.42
CA GLU A 284 -1.12 -5.37 -9.33
C GLU A 284 -1.77 -6.74 -9.29
N TRP A 285 -3.10 -6.76 -9.18
CA TRP A 285 -3.82 -8.03 -9.20
C TRP A 285 -3.65 -8.71 -10.55
N VAL A 286 -3.45 -10.03 -10.52
CA VAL A 286 -3.17 -10.81 -11.73
C VAL A 286 -4.32 -11.75 -12.07
N ALA A 287 -4.64 -12.69 -11.18
CA ALA A 287 -5.70 -13.66 -11.43
C ALA A 287 -6.35 -14.05 -10.10
N GLY A 288 -7.47 -14.73 -10.21
CA GLY A 288 -8.18 -15.17 -9.02
C GLY A 288 -9.40 -16.01 -9.41
N MET A 289 -9.88 -16.77 -8.43
CA MET A 289 -11.05 -17.61 -8.62
C MET A 289 -11.93 -17.51 -7.38
N SER A 290 -13.22 -17.78 -7.57
CA SER A 290 -14.18 -17.66 -6.50
C SER A 290 -14.00 -18.78 -5.47
N SER A 291 -14.55 -18.56 -4.28
CA SER A 291 -14.47 -19.56 -3.23
C SER A 291 -15.16 -20.86 -3.64
N ALA A 292 -16.23 -20.77 -4.43
CA ALA A 292 -16.91 -21.98 -4.87
C ALA A 292 -16.14 -22.67 -5.99
N GLY A 293 -15.45 -21.91 -6.82
CA GLY A 293 -14.75 -22.44 -7.98
C GLY A 293 -15.48 -22.25 -9.29
N ASP A 294 -16.66 -21.63 -9.29
CA ASP A 294 -17.46 -21.49 -10.50
C ASP A 294 -16.99 -20.33 -11.38
N ARG A 295 -16.18 -19.41 -10.85
CA ARG A 295 -15.77 -18.24 -11.58
C ARG A 295 -14.27 -17.99 -11.38
N SER A 296 -13.60 -17.58 -12.44
CA SER A 296 -12.18 -17.23 -12.39
C SER A 296 -11.96 -15.99 -13.23
N SER A 297 -11.23 -15.02 -12.68
CA SER A 297 -10.99 -13.75 -13.34
C SER A 297 -9.51 -13.57 -13.64
N TYR A 298 -9.22 -12.75 -14.64
CA TYR A 298 -7.86 -12.46 -15.07
C TYR A 298 -7.77 -11.01 -15.52
N GLU A 299 -6.64 -10.36 -15.21
CA GLU A 299 -6.41 -9.00 -15.66
C GLU A 299 -6.16 -9.00 -17.17
N ASP A 300 -6.41 -7.83 -17.78
CA ASP A 300 -6.37 -7.74 -19.24
C ASP A 300 -4.99 -8.12 -19.80
N SER A 301 -3.92 -7.80 -19.08
CA SER A 301 -2.57 -8.06 -19.58
C SER A 301 -2.23 -9.54 -19.61
N VAL A 302 -2.90 -10.37 -18.81
CA VAL A 302 -2.57 -11.79 -18.73
C VAL A 302 -3.65 -12.69 -19.31
N LYS A 303 -4.85 -12.17 -19.60
CA LYS A 303 -5.92 -13.00 -20.12
C LYS A 303 -5.51 -13.65 -21.43
N GLY A 304 -5.71 -14.97 -21.53
CA GLY A 304 -5.38 -15.73 -22.71
C GLY A 304 -4.11 -16.53 -22.64
N ARG A 305 -3.39 -16.47 -21.51
CA ARG A 305 -2.16 -17.23 -21.34
C ARG A 305 -1.88 -17.56 -19.88
N PHE A 306 -2.77 -17.19 -18.95
CA PHE A 306 -2.65 -17.56 -17.55
C PHE A 306 -3.89 -18.36 -17.15
N THR A 307 -3.68 -19.37 -16.29
CA THR A 307 -4.79 -20.17 -15.77
C THR A 307 -4.53 -20.48 -14.30
N ILE A 308 -5.50 -20.15 -13.45
CA ILE A 308 -5.42 -20.42 -12.02
C ILE A 308 -6.31 -21.61 -11.71
N SER A 309 -5.83 -22.48 -10.82
CA SER A 309 -6.55 -23.68 -10.41
C SER A 309 -6.18 -23.97 -8.96
N ARG A 310 -6.68 -25.08 -8.44
CA ARG A 310 -6.40 -25.44 -7.06
C ARG A 310 -6.70 -26.92 -6.84
N ASP A 311 -5.92 -27.55 -5.98
CA ASP A 311 -6.09 -28.96 -5.62
C ASP A 311 -6.59 -28.99 -4.16
N ASP A 312 -7.87 -29.28 -3.99
CA ASP A 312 -8.47 -29.21 -2.66
C ASP A 312 -7.79 -30.16 -1.69
N ALA A 313 -7.52 -31.39 -2.12
CA ALA A 313 -6.91 -32.38 -1.22
C ALA A 313 -5.52 -31.92 -0.78
N ARG A 314 -4.66 -31.56 -1.73
CA ARG A 314 -3.33 -31.07 -1.41
C ARG A 314 -3.36 -29.64 -0.88
N ASN A 315 -4.52 -28.98 -0.89
CA ASN A 315 -4.67 -27.63 -0.35
C ASN A 315 -3.64 -26.69 -0.96
N THR A 316 -3.61 -26.63 -2.29
CA THR A 316 -2.62 -25.85 -3.01
C THR A 316 -3.30 -25.09 -4.13
N VAL A 317 -2.66 -23.99 -4.53
CA VAL A 317 -3.12 -23.14 -5.62
C VAL A 317 -2.01 -23.04 -6.66
N TYR A 318 -2.39 -23.03 -7.93
CA TYR A 318 -1.44 -23.03 -9.03
C TYR A 318 -1.70 -21.83 -9.95
N LEU A 319 -0.70 -21.51 -10.77
CA LEU A 319 -0.80 -20.42 -11.74
C LEU A 319 0.04 -20.82 -12.96
N GLN A 320 -0.61 -21.47 -13.93
CA GLN A 320 0.06 -21.82 -15.16
C GLN A 320 0.24 -20.57 -16.02
N MET A 321 1.50 -20.31 -16.42
CA MET A 321 1.86 -19.12 -17.19
C MET A 321 2.47 -19.55 -18.51
N ASN A 322 1.85 -19.14 -19.62
CA ASN A 322 2.29 -19.52 -20.95
C ASN A 322 2.66 -18.27 -21.75
N SER A 323 3.55 -18.46 -22.73
CA SER A 323 3.98 -17.38 -23.60
C SER A 323 4.43 -16.17 -22.79
N LEU A 324 5.31 -16.42 -21.81
CA LEU A 324 5.73 -15.38 -20.89
C LEU A 324 6.51 -14.29 -21.62
N LYS A 325 6.12 -13.04 -21.37
CA LYS A 325 6.81 -11.88 -21.90
C LYS A 325 7.89 -11.43 -20.93
N PRO A 326 8.83 -10.60 -21.38
CA PRO A 326 9.72 -9.93 -20.42
C PRO A 326 8.95 -9.05 -19.46
N GLU A 327 7.81 -8.51 -19.90
CA GLU A 327 6.96 -7.68 -19.03
C GLU A 327 6.38 -8.47 -17.87
N ASP A 328 6.35 -9.80 -17.97
CA ASP A 328 5.84 -10.64 -16.91
C ASP A 328 6.85 -10.89 -15.80
N THR A 329 8.00 -10.21 -15.84
CA THR A 329 8.99 -10.33 -14.78
C THR A 329 8.53 -9.55 -13.55
N ALA A 330 8.43 -10.22 -12.41
CA ALA A 330 7.99 -9.58 -11.18
C ALA A 330 8.07 -10.59 -10.05
N VAL A 331 7.80 -10.11 -8.84
CA VAL A 331 7.68 -10.97 -7.67
C VAL A 331 6.21 -11.34 -7.53
N TYR A 332 5.92 -12.63 -7.51
CA TYR A 332 4.55 -13.12 -7.52
C TYR A 332 4.13 -13.57 -6.13
N TYR A 333 2.92 -13.17 -5.74
CA TYR A 333 2.38 -13.47 -4.42
C TYR A 333 0.99 -14.09 -4.56
N CYS A 334 0.64 -14.92 -3.59
CA CYS A 334 -0.70 -15.47 -3.46
C CYS A 334 -1.42 -14.77 -2.32
N ASN A 335 -2.71 -14.51 -2.51
CA ASN A 335 -3.48 -13.70 -1.57
C ASN A 335 -4.73 -14.45 -1.13
N VAL A 336 -5.20 -14.10 0.06
CA VAL A 336 -6.40 -14.70 0.62
C VAL A 336 -6.82 -13.86 1.83
N ASN A 337 -8.13 -13.72 2.00
CA ASN A 337 -8.70 -12.93 3.08
C ASN A 337 -9.62 -13.85 3.88
N VAL A 338 -9.13 -14.30 5.03
CA VAL A 338 -9.92 -15.12 5.94
C VAL A 338 -10.40 -14.24 7.09
N GLY A 339 -10.83 -13.03 6.77
CA GLY A 339 -11.09 -12.02 7.77
C GLY A 339 -9.94 -11.03 7.82
N PHE A 340 -8.73 -11.57 7.94
CA PHE A 340 -7.50 -10.81 7.77
C PHE A 340 -6.86 -11.19 6.44
N GLU A 341 -6.29 -10.21 5.75
CA GLU A 341 -5.61 -10.50 4.49
C GLU A 341 -4.24 -11.11 4.76
N TYR A 342 -3.92 -12.16 4.02
CA TYR A 342 -2.65 -12.87 4.14
C TYR A 342 -1.97 -12.97 2.78
N TRP A 343 -0.65 -13.01 2.81
CA TRP A 343 0.16 -13.05 1.61
C TRP A 343 1.03 -14.30 1.62
N GLY A 344 1.14 -14.95 0.46
CA GLY A 344 2.09 -16.02 0.30
C GLY A 344 3.50 -15.52 0.13
N GLN A 345 4.46 -16.40 0.40
CA GLN A 345 5.85 -16.09 0.17
C GLN A 345 6.06 -15.61 -1.26
N GLY A 346 6.85 -14.56 -1.42
CA GLY A 346 7.14 -14.03 -2.74
C GLY A 346 7.78 -15.07 -3.64
N THR A 347 7.82 -14.73 -4.93
CA THR A 347 8.39 -15.61 -5.93
C THR A 347 8.93 -14.76 -7.07
N GLN A 348 10.25 -14.72 -7.20
CA GLN A 348 10.89 -13.98 -8.28
C GLN A 348 10.90 -14.83 -9.55
N VAL A 349 10.24 -14.33 -10.60
CA VAL A 349 10.29 -14.93 -11.92
C VAL A 349 10.93 -13.91 -12.85
N THR A 350 12.08 -14.26 -13.41
CA THR A 350 12.86 -13.36 -14.26
C THR A 350 12.79 -13.88 -15.69
N VAL A 351 12.14 -13.11 -16.56
CA VAL A 351 12.02 -13.48 -17.98
C VAL A 351 13.07 -12.73 -18.77
N SER A 352 13.78 -13.45 -19.63
CA SER A 352 14.81 -12.84 -20.47
C SER A 352 14.25 -11.67 -21.27
N THR B 12 12.49 -25.66 -6.98
CA THR B 12 13.71 -26.15 -6.36
C THR B 12 14.75 -26.56 -7.40
N THR B 13 14.37 -26.47 -8.67
CA THR B 13 15.28 -26.86 -9.75
C THR B 13 16.38 -25.82 -9.93
N SER B 14 17.62 -26.28 -10.05
CA SER B 14 18.75 -25.45 -10.44
C SER B 14 19.23 -25.88 -11.82
N GLN B 15 19.76 -24.93 -12.57
CA GLN B 15 20.26 -25.18 -13.92
C GLN B 15 21.78 -25.20 -13.91
N ILE B 16 22.36 -26.20 -14.56
CA ILE B 16 23.80 -26.34 -14.64
C ILE B 16 24.20 -26.61 -16.10
N PRO B 17 25.18 -25.85 -16.60
CA PRO B 17 25.94 -24.86 -15.82
C PRO B 17 25.21 -23.55 -15.59
N ALA B 18 25.50 -22.90 -14.47
CA ALA B 18 25.01 -21.55 -14.23
C ALA B 18 25.90 -20.54 -14.93
N SER B 19 25.29 -19.47 -15.44
CA SER B 19 25.96 -18.49 -16.27
C SER B 19 26.66 -17.44 -15.40
N GLU B 20 27.56 -16.68 -16.03
CA GLU B 20 28.27 -15.59 -15.37
C GLU B 20 27.56 -14.28 -15.75
N GLN B 21 26.47 -14.01 -15.05
CA GLN B 21 25.56 -12.91 -15.37
C GLN B 21 25.82 -11.69 -14.50
N GLU B 22 27.08 -11.25 -14.45
CA GLU B 22 27.48 -10.05 -13.75
C GLU B 22 27.95 -9.04 -14.78
N THR B 23 27.39 -7.83 -14.72
CA THR B 23 27.70 -6.79 -15.69
C THR B 23 29.04 -6.15 -15.36
N LEU B 24 29.99 -6.23 -16.28
CA LEU B 24 31.24 -5.51 -16.19
C LEU B 24 31.07 -4.13 -16.81
N VAL B 25 31.71 -3.13 -16.20
CA VAL B 25 31.58 -1.74 -16.62
C VAL B 25 32.92 -1.04 -16.46
N ARG B 26 33.07 0.07 -17.17
CA ARG B 26 34.22 0.96 -17.00
C ARG B 26 33.70 2.36 -16.76
N PRO B 27 33.84 2.92 -15.56
CA PRO B 27 33.32 4.26 -15.30
C PRO B 27 34.06 5.31 -16.11
N LYS B 28 33.29 6.27 -16.62
CA LYS B 28 33.89 7.41 -17.31
C LYS B 28 34.71 8.22 -16.31
N PRO B 29 35.56 9.12 -16.81
CA PRO B 29 36.60 9.71 -15.93
C PRO B 29 36.08 10.26 -14.62
N LEU B 30 35.03 11.09 -14.65
CA LEU B 30 34.54 11.72 -13.42
C LEU B 30 34.13 10.68 -12.38
N LEU B 31 33.22 9.78 -12.76
CA LEU B 31 32.79 8.74 -11.83
C LEU B 31 33.98 7.95 -11.29
N LEU B 32 34.94 7.62 -12.15
CA LEU B 32 36.12 6.90 -11.69
C LEU B 32 36.87 7.67 -10.62
N LYS B 33 36.86 9.01 -10.70
CA LYS B 33 37.54 9.80 -9.69
C LYS B 33 36.90 9.62 -8.33
N LEU B 34 35.57 9.57 -8.27
CA LEU B 34 34.90 9.43 -6.99
C LEU B 34 35.19 8.07 -6.37
N LEU B 35 35.07 6.99 -7.15
CA LEU B 35 35.29 5.66 -6.61
C LEU B 35 36.68 5.52 -6.01
N LYS B 36 37.68 6.16 -6.62
CA LYS B 36 39.04 6.06 -6.09
C LYS B 36 39.23 6.89 -4.83
N SER B 37 38.45 7.97 -4.67
CA SER B 37 38.59 8.82 -3.49
C SER B 37 38.16 8.10 -2.22
N VAL B 38 37.35 7.06 -2.32
CA VAL B 38 36.91 6.31 -1.15
C VAL B 38 37.75 5.06 -0.89
N GLY B 39 38.49 4.57 -1.88
CA GLY B 39 39.34 3.41 -1.67
C GLY B 39 39.43 2.49 -2.87
N ALA B 40 38.57 2.69 -3.86
CA ALA B 40 38.59 1.85 -5.05
C ALA B 40 39.88 2.08 -5.83
N GLN B 41 40.46 0.99 -6.32
CA GLN B 41 41.73 1.04 -7.04
C GLN B 41 41.64 0.47 -8.45
N LYS B 42 40.50 -0.08 -8.85
CA LYS B 42 40.34 -0.67 -10.17
C LYS B 42 39.90 0.39 -11.18
N ASP B 43 39.98 0.01 -12.45
CA ASP B 43 39.32 0.75 -13.52
C ASP B 43 38.25 -0.09 -14.20
N THR B 44 38.04 -1.32 -13.74
CA THR B 44 37.00 -2.20 -14.23
C THR B 44 36.21 -2.70 -13.03
N TYR B 45 34.89 -2.59 -13.10
CA TYR B 45 34.05 -2.93 -11.97
C TYR B 45 32.81 -3.69 -12.43
N THR B 46 32.24 -4.47 -11.53
CA THR B 46 30.89 -4.96 -11.71
C THR B 46 29.90 -3.86 -11.33
N MET B 47 28.64 -4.05 -11.72
CA MET B 47 27.64 -3.04 -11.42
C MET B 47 27.47 -2.88 -9.90
N LYS B 48 27.37 -4.00 -9.18
CA LYS B 48 27.14 -3.90 -7.74
C LYS B 48 28.35 -3.33 -7.00
N GLU B 49 29.55 -3.59 -7.50
CA GLU B 49 30.73 -2.94 -6.92
C GLU B 49 30.62 -1.42 -7.05
N VAL B 50 30.07 -0.95 -8.17
CA VAL B 50 29.88 0.49 -8.37
C VAL B 50 28.91 1.05 -7.33
N LEU B 51 27.74 0.42 -7.20
CA LEU B 51 26.76 0.90 -6.24
C LEU B 51 27.31 0.86 -4.81
N PHE B 52 28.08 -0.17 -4.49
CA PHE B 52 28.68 -0.25 -3.15
C PHE B 52 29.58 0.95 -2.89
N TYR B 53 30.58 1.17 -3.75
CA TYR B 53 31.49 2.28 -3.53
C TYR B 53 30.78 3.62 -3.58
N LEU B 54 29.72 3.73 -4.38
CA LEU B 54 29.03 5.02 -4.51
C LEU B 54 28.23 5.33 -3.25
N GLY B 55 27.43 4.37 -2.78
CA GLY B 55 26.76 4.55 -1.51
C GLY B 55 27.74 4.78 -0.37
N GLN B 56 28.84 4.04 -0.37
CA GLN B 56 29.89 4.29 0.62
C GLN B 56 30.47 5.69 0.48
N TYR B 57 30.48 6.23 -0.74
CA TYR B 57 30.93 7.60 -0.96
C TYR B 57 29.97 8.58 -0.30
N ILE B 58 28.66 8.40 -0.51
CA ILE B 58 27.68 9.33 0.03
C ILE B 58 27.74 9.34 1.56
N MET B 59 27.85 8.16 2.16
CA MET B 59 27.92 8.09 3.63
C MET B 59 29.26 8.60 4.13
N THR B 60 30.36 8.27 3.45
CA THR B 60 31.67 8.77 3.88
C THR B 60 31.72 10.29 3.79
N LYS B 61 31.18 10.87 2.71
CA LYS B 61 31.13 12.31 2.54
C LYS B 61 29.98 12.96 3.29
N ARG B 62 29.11 12.18 3.92
CA ARG B 62 28.01 12.70 4.73
C ARG B 62 27.15 13.67 3.91
N LEU B 63 26.66 13.16 2.78
CA LEU B 63 25.84 13.93 1.86
C LEU B 63 24.34 13.69 2.04
N TYR B 64 23.96 12.62 2.75
CA TYR B 64 22.55 12.35 2.99
C TYR B 64 22.03 13.19 4.16
N ASP B 65 20.77 13.63 4.03
CA ASP B 65 20.15 14.40 5.10
C ASP B 65 19.92 13.52 6.32
N GLU B 66 20.24 14.06 7.50
CA GLU B 66 20.15 13.26 8.72
C GLU B 66 18.71 12.94 9.09
N LYS B 67 17.82 13.93 8.98
CA LYS B 67 16.42 13.71 9.36
C LYS B 67 15.65 12.95 8.28
N GLN B 68 15.89 13.28 7.01
CA GLN B 68 15.27 12.58 5.88
C GLN B 68 16.40 11.98 5.05
N GLN B 69 16.66 10.69 5.25
CA GLN B 69 17.90 10.08 4.77
C GLN B 69 17.79 9.53 3.35
N HIS B 70 16.68 9.76 2.65
CA HIS B 70 16.61 9.46 1.22
C HIS B 70 17.04 10.66 0.38
N ILE B 71 17.05 11.86 0.96
CA ILE B 71 17.50 13.06 0.27
C ILE B 71 19.02 13.11 0.34
N VAL B 72 19.65 13.27 -0.81
CA VAL B 72 21.10 13.38 -0.92
C VAL B 72 21.41 14.76 -1.48
N TYR B 73 22.20 15.54 -0.75
CA TYR B 73 22.59 16.87 -1.18
C TYR B 73 24.01 16.80 -1.75
N CYS B 74 24.14 17.14 -3.04
CA CYS B 74 25.42 17.06 -3.74
C CYS B 74 25.72 18.34 -4.51
N SER B 75 25.05 19.45 -4.18
CA SER B 75 25.27 20.70 -4.90
C SER B 75 26.68 21.22 -4.71
N ASN B 76 27.28 20.99 -3.54
CA ASN B 76 28.62 21.45 -3.22
C ASN B 76 29.66 20.33 -3.30
N ASP B 77 29.38 19.28 -4.08
CA ASP B 77 30.23 18.11 -4.13
C ASP B 77 30.33 17.60 -5.55
N LEU B 78 31.47 16.95 -5.85
CA LEU B 78 31.68 16.44 -7.21
C LEU B 78 30.54 15.54 -7.66
N LEU B 79 29.86 14.87 -6.72
CA LEU B 79 28.72 14.04 -7.09
C LEU B 79 27.66 14.84 -7.81
N GLY B 80 27.51 16.13 -7.47
CA GLY B 80 26.58 16.97 -8.20
C GLY B 80 26.94 17.06 -9.67
N ASP B 81 28.22 17.26 -9.98
CA ASP B 81 28.65 17.25 -11.38
C ASP B 81 28.33 15.91 -12.03
N LEU B 82 28.56 14.81 -11.30
CA LEU B 82 28.32 13.49 -11.86
C LEU B 82 26.85 13.34 -12.29
N PHE B 83 25.93 13.51 -11.34
CA PHE B 83 24.51 13.34 -11.66
C PHE B 83 23.92 14.54 -12.38
N GLY B 84 24.46 15.74 -12.14
CA GLY B 84 23.94 16.92 -12.78
C GLY B 84 22.78 17.57 -12.06
N VAL B 85 22.59 17.27 -10.77
CA VAL B 85 21.50 17.85 -10.00
C VAL B 85 22.08 18.45 -8.73
N PRO B 86 21.40 19.44 -8.15
CA PRO B 86 21.84 19.97 -6.85
C PRO B 86 21.46 19.07 -5.69
N SER B 87 20.55 18.13 -5.90
CA SER B 87 20.11 17.19 -4.87
C SER B 87 19.18 16.19 -5.52
N PHE B 88 19.07 15.01 -4.90
CA PHE B 88 18.22 13.95 -5.41
C PHE B 88 17.75 13.07 -4.26
N SER B 89 16.73 12.26 -4.55
CA SER B 89 16.16 11.32 -3.59
C SER B 89 16.38 9.91 -4.12
N VAL B 90 17.05 9.07 -3.32
CA VAL B 90 17.32 7.70 -3.71
C VAL B 90 16.04 6.89 -3.90
N LYS B 91 14.90 7.45 -3.48
CA LYS B 91 13.63 6.79 -3.76
C LYS B 91 13.36 6.68 -5.25
N GLU B 92 13.89 7.61 -6.05
CA GLU B 92 13.68 7.56 -7.51
C GLU B 92 14.70 6.60 -8.13
N HIS B 93 14.47 5.31 -7.88
CA HIS B 93 15.30 4.27 -8.48
C HIS B 93 15.48 4.50 -9.98
N ARG B 94 14.37 4.67 -10.70
CA ARG B 94 14.42 4.95 -12.13
C ARG B 94 15.43 6.04 -12.47
N LYS B 95 15.28 7.22 -11.86
CA LYS B 95 16.02 8.39 -12.30
C LYS B 95 17.52 8.25 -12.04
N ILE B 96 17.88 7.61 -10.93
CA ILE B 96 19.28 7.47 -10.55
C ILE B 96 19.97 6.43 -11.43
N TYR B 97 19.35 5.25 -11.55
CA TYR B 97 19.90 4.20 -12.43
C TYR B 97 20.30 4.76 -13.78
N THR B 98 19.61 5.79 -14.26
CA THR B 98 19.98 6.43 -15.51
C THR B 98 21.27 7.25 -15.35
N MET B 99 21.29 8.12 -14.33
CA MET B 99 22.48 8.94 -14.09
C MET B 99 23.74 8.10 -13.92
N ILE B 100 23.59 6.89 -13.37
CA ILE B 100 24.75 6.04 -13.14
C ILE B 100 25.30 5.52 -14.46
N TYR B 101 24.42 5.18 -15.42
CA TYR B 101 24.88 4.60 -16.66
C TYR B 101 25.40 5.65 -17.64
N ARG B 102 24.87 6.87 -17.58
CA ARG B 102 25.47 7.95 -18.36
C ARG B 102 26.94 8.14 -18.02
N ASN B 103 27.39 7.63 -16.86
CA ASN B 103 28.76 7.78 -16.41
C ASN B 103 29.55 6.49 -16.48
N LEU B 104 29.15 5.54 -17.34
CA LEU B 104 29.88 4.29 -17.46
C LEU B 104 29.43 3.57 -18.72
N VAL B 105 30.33 2.74 -19.26
CA VAL B 105 30.06 1.95 -20.45
C VAL B 105 30.23 0.48 -20.12
N VAL B 106 29.41 -0.36 -20.75
CA VAL B 106 29.34 -1.78 -20.42
C VAL B 106 30.42 -2.53 -21.18
N VAL B 107 31.35 -3.13 -20.45
CA VAL B 107 32.42 -3.92 -21.06
C VAL B 107 31.98 -5.37 -21.21
C1 GOL C . 1.24 -0.81 -0.27
O1 GOL C . 2.00 0.20 -0.90
C2 GOL C . -0.25 -0.58 -0.52
O2 GOL C . -0.46 -0.42 -1.91
C3 GOL C . -1.06 -1.75 0.02
O3 GOL C . -2.43 -1.61 -0.31
H11 GOL C . 1.53 -1.78 -0.64
H12 GOL C . 1.44 -0.79 0.81
HO1 GOL C . 2.95 0.09 -0.69
H2 GOL C . -0.55 0.33 0.01
HO2 GOL C . -0.20 -1.25 -2.37
H31 GOL C . -0.69 -2.68 -0.42
H32 GOL C . -0.95 -1.81 1.10
HO3 GOL C . -2.91 -1.24 0.47
P PO4 D . 9.99 3.68 11.11
O1 PO4 D . 9.62 4.97 10.42
O2 PO4 D . 9.90 3.86 12.61
O3 PO4 D . 11.40 3.30 10.75
O4 PO4 D . 9.04 2.58 10.69
O1 PG4 E . 33.46 21.34 -5.88
C1 PG4 E . 32.25 22.01 -6.04
C2 PG4 E . 31.49 21.43 -7.25
O2 PG4 E . 30.16 21.85 -7.21
C3 PG4 E . 29.29 21.10 -8.00
C4 PG4 E . 28.38 22.02 -8.83
O3 PG4 E . 27.04 21.70 -8.59
C5 PG4 E . 26.31 21.39 -9.75
C6 PG4 E . 24.87 21.06 -9.37
O4 PG4 E . 24.07 21.07 -10.51
C7 PG4 E . 23.02 21.99 -10.46
C8 PG4 E . 22.11 21.74 -11.66
O5 PG4 E . 20.83 22.25 -11.41
P PO4 F . 42.09 -2.93 -13.72
O1 PO4 F . 42.57 -1.50 -13.74
O2 PO4 F . 41.96 -3.44 -15.13
O3 PO4 F . 43.09 -3.79 -12.97
O4 PO4 F . 40.75 -3.00 -13.02
#